data_6MLF
#
_entry.id   6MLF
#
_cell.length_a   43.730
_cell.length_b   54.800
_cell.length_c   173.550
_cell.angle_alpha   90.000
_cell.angle_beta   90.000
_cell.angle_gamma   90.000
#
_symmetry.space_group_name_H-M   'P 21 21 21'
#
loop_
_entity.id
_entity.type
_entity.pdbx_description
1 polymer Phosphoglucomutase
2 non-polymer 6-deoxy-6-fluoro-1-O-phosphono-alpha-D-glucopyranose
3 non-polymer 'MAGNESIUM ION'
4 water water
#
_entity_poly.entity_id   1
_entity_poly.type   'polypeptide(L)'
_entity_poly.pdbx_seq_one_letter_code
;MGSSHHHHHHSSGLVPRGSHMTLPAFKAYDIRGRVPDELNEDLARRIGVALAAQLDQGPVVLGHDVRLASPALQEALSAG
LRASGRDVIDIGLCGTEEVYFQTDYLKAAGGVMVTA(SEP)HNPMDYNGMKLVREQARPISSDTGLFAIRDTVAADTAAP
GEPTASEQSRTDKTAYLEHLLSYVDRSTLKPLKLVVNAGNGGAGLIVDLLAPHLPFEFVRVFHEPDGNFPNGIPNPLLPE
NRDATAKAVKDNGADFGIAWDGDFDRCFFFDHTGRFIEGYYLVGLLAQAILAKQPGGKVVHDPRLTWNTVEQVEEAGGIP
VLCKSGHAFIKEKMRSENAVYGGEMSAHHYFREFAYADSGMIPWLLIAELVSQSGRSLADLVEARMQKFPCSGEINFKVA
DAKASVARVMEHYASLSPELDYTDGISADFGQWRFNLRSSNTEPLLRLNVETRGDAALLETRTQEISNLLRG
;
_entity_poly.pdbx_strand_id   A
#
loop_
_chem_comp.id
_chem_comp.type
_chem_comp.name
_chem_comp.formula
JV4 D-saccharide 6-deoxy-6-fluoro-1-O-phosphono-alpha-D-glucopyranose 'C6 H12 F O8 P'
MG non-polymer 'MAGNESIUM ION' 'Mg 2'
#
# COMPACT_ATOMS: atom_id res chain seq x y z
N MET A 21 -6.94 25.74 -14.37
CA MET A 21 -8.31 25.75 -13.85
C MET A 21 -8.42 25.16 -12.44
N THR A 22 -7.76 24.02 -12.20
CA THR A 22 -7.67 23.45 -10.86
C THR A 22 -6.21 23.14 -10.53
N LEU A 23 -5.91 23.05 -9.25
CA LEU A 23 -4.56 22.71 -8.81
C LEU A 23 -4.24 21.27 -9.19
N PRO A 24 -3.23 21.02 -10.05
CA PRO A 24 -2.95 19.64 -10.47
C PRO A 24 -2.53 18.71 -9.35
N ALA A 25 -1.89 19.23 -8.30
CA ALA A 25 -1.35 18.35 -7.27
C ALA A 25 -2.44 17.54 -6.56
N PHE A 26 -3.69 18.01 -6.58
CA PHE A 26 -4.76 17.34 -5.84
C PHE A 26 -5.35 16.23 -6.70
N LYS A 27 -5.02 15.00 -6.36
CA LYS A 27 -5.47 13.81 -7.07
C LYS A 27 -6.60 13.12 -6.32
N ALA A 28 -6.99 11.94 -6.81
CA ALA A 28 -8.14 11.23 -6.26
C ALA A 28 -7.92 10.82 -4.81
N TYR A 29 -6.69 10.44 -4.44
CA TYR A 29 -6.47 9.89 -3.10
C TYR A 29 -5.46 10.64 -2.26
N ASP A 30 -4.65 11.51 -2.85
CA ASP A 30 -3.62 12.21 -2.09
C ASP A 30 -3.21 13.45 -2.86
N ILE A 31 -2.20 14.14 -2.36
CA ILE A 31 -1.60 15.28 -3.05
C ILE A 31 -0.22 14.84 -3.54
N ARG A 32 0.11 15.22 -4.79
CA ARG A 32 1.44 14.91 -5.33
C ARG A 32 1.71 15.86 -6.48
N GLY A 33 2.94 16.35 -6.57
CA GLY A 33 3.30 17.26 -7.64
C GLY A 33 4.75 17.65 -7.60
N ARG A 34 5.20 18.24 -8.71
CA ARG A 34 6.57 18.72 -8.83
C ARG A 34 6.77 19.95 -7.96
N VAL A 35 7.86 19.95 -7.19
CA VAL A 35 8.24 21.09 -6.36
C VAL A 35 9.12 21.98 -7.23
N PRO A 36 8.90 23.30 -7.25
CA PRO A 36 7.88 24.00 -6.46
C PRO A 36 6.66 24.51 -7.24
N ASP A 37 6.54 24.18 -8.52
CA ASP A 37 5.47 24.78 -9.31
C ASP A 37 4.11 24.18 -8.98
N GLU A 38 4.07 22.90 -8.61
CA GLU A 38 2.80 22.26 -8.24
C GLU A 38 2.61 22.12 -6.75
N LEU A 39 3.69 22.12 -5.98
CA LEU A 39 3.63 21.96 -4.54
C LEU A 39 4.82 22.69 -3.95
N ASN A 40 4.58 23.53 -2.94
CA ASN A 40 5.61 24.36 -2.36
C ASN A 40 5.21 24.68 -0.92
N GLU A 41 6.04 25.45 -0.23
CA GLU A 41 5.78 25.74 1.17
C GLU A 41 4.54 26.60 1.38
N ASP A 42 4.23 27.48 0.43
CA ASP A 42 3.04 28.31 0.57
C ASP A 42 1.77 27.46 0.44
N LEU A 43 1.71 26.60 -0.58
CA LEU A 43 0.56 25.72 -0.72
C LEU A 43 0.42 24.80 0.49
N ALA A 44 1.56 24.32 1.02
CA ALA A 44 1.52 23.41 2.15
C ALA A 44 1.00 24.13 3.40
N ARG A 45 1.41 25.39 3.61
CA ARG A 45 0.84 26.15 4.71
C ARG A 45 -0.65 26.38 4.52
N ARG A 46 -1.07 26.69 3.28
CA ARG A 46 -2.49 26.86 2.99
C ARG A 46 -3.25 25.56 3.16
N ILE A 47 -2.64 24.42 2.82
CA ILE A 47 -3.28 23.12 3.06
C ILE A 47 -3.50 22.92 4.56
N GLY A 48 -2.51 23.27 5.38
CA GLY A 48 -2.69 23.15 6.81
C GLY A 48 -3.84 23.99 7.33
N VAL A 49 -3.99 25.20 6.82
CA VAL A 49 -5.10 26.06 7.26
C VAL A 49 -6.44 25.45 6.86
N ALA A 50 -6.54 24.95 5.62
CA ALA A 50 -7.79 24.39 5.12
C ALA A 50 -8.11 23.03 5.74
N LEU A 51 -7.07 22.26 6.09
CA LEU A 51 -7.30 20.99 6.78
C LEU A 51 -7.87 21.23 8.17
N ALA A 52 -7.40 22.26 8.87
CA ALA A 52 -7.91 22.59 10.18
C ALA A 52 -9.41 22.83 10.16
N ALA A 53 -9.93 23.34 9.05
CA ALA A 53 -11.36 23.67 8.97
C ALA A 53 -12.23 22.45 8.69
N GLN A 54 -11.65 21.37 8.20
CA GLN A 54 -12.36 20.17 7.79
C GLN A 54 -12.44 19.12 8.90
N LEU A 55 -11.54 19.17 9.87
CA LEU A 55 -11.40 18.12 10.85
C LEU A 55 -12.28 18.37 12.05
N ASP A 56 -12.62 17.29 12.75
CA ASP A 56 -13.22 17.40 14.07
C ASP A 56 -12.22 17.99 15.06
N GLN A 57 -12.66 18.18 16.31
CA GLN A 57 -11.78 18.68 17.34
C GLN A 57 -10.66 17.69 17.63
N GLY A 58 -9.48 18.22 17.95
CA GLY A 58 -8.33 17.42 18.31
C GLY A 58 -7.05 17.93 17.67
N PRO A 59 -5.92 17.35 18.06
CA PRO A 59 -4.64 17.72 17.47
C PRO A 59 -4.37 16.95 16.19
N VAL A 60 -3.34 17.37 15.46
CA VAL A 60 -3.01 16.78 14.17
C VAL A 60 -1.61 16.21 14.20
N VAL A 61 -1.47 14.96 13.75
CA VAL A 61 -0.21 14.22 13.70
C VAL A 61 0.46 14.48 12.35
N LEU A 62 1.75 14.81 12.39
CA LEU A 62 2.53 15.04 11.17
C LEU A 62 3.79 14.18 11.18
N GLY A 63 4.11 13.63 10.02
CA GLY A 63 5.33 12.85 9.82
C GLY A 63 5.75 12.99 8.37
N HIS A 64 6.98 12.57 8.08
CA HIS A 64 7.52 12.79 6.76
C HIS A 64 8.49 11.66 6.41
N ASP A 65 8.75 11.53 5.11
CA ASP A 65 9.63 10.51 4.57
C ASP A 65 11.05 11.08 4.36
N VAL A 66 11.90 10.34 3.65
CA VAL A 66 13.31 10.73 3.56
C VAL A 66 13.61 11.75 2.47
N ARG A 67 12.62 12.18 1.69
CA ARG A 67 12.90 13.15 0.64
C ARG A 67 13.46 14.43 1.24
N LEU A 68 14.30 15.10 0.44
CA LEU A 68 15.03 16.25 0.95
C LEU A 68 14.09 17.41 1.26
N ALA A 69 13.05 17.59 0.46
CA ALA A 69 12.13 18.68 0.64
C ALA A 69 11.10 18.42 1.73
N SER A 70 10.97 17.17 2.18
CA SER A 70 9.84 16.83 3.06
C SER A 70 9.80 17.62 4.37
N PRO A 71 10.89 17.72 5.15
CA PRO A 71 10.80 18.48 6.41
C PRO A 71 10.28 19.90 6.25
N ALA A 72 10.71 20.62 5.22
CA ALA A 72 10.24 21.98 5.04
C ALA A 72 8.76 22.02 4.70
N LEU A 73 8.28 21.00 3.96
CA LEU A 73 6.85 20.94 3.66
C LEU A 73 6.05 20.62 4.92
N GLN A 74 6.61 19.78 5.80
CA GLN A 74 5.94 19.53 7.08
C GLN A 74 5.92 20.78 7.95
N GLU A 75 7.02 21.52 7.98
CA GLU A 75 7.07 22.72 8.81
C GLU A 75 6.01 23.72 8.38
N ALA A 76 5.77 23.87 7.08
CA ALA A 76 4.76 24.82 6.61
C ALA A 76 3.36 24.31 6.92
N LEU A 77 3.14 23.01 6.74
CA LEU A 77 1.90 22.38 7.14
C LEU A 77 1.59 22.66 8.60
N SER A 78 2.59 22.47 9.47
CA SER A 78 2.43 22.75 10.89
C SER A 78 2.16 24.22 11.14
N ALA A 79 2.86 25.09 10.41
CA ALA A 79 2.67 26.53 10.60
C ALA A 79 1.24 26.93 10.29
N GLY A 80 0.65 26.34 9.24
CA GLY A 80 -0.73 26.68 8.90
C GLY A 80 -1.72 26.09 9.88
N LEU A 81 -1.44 24.89 10.35
CA LEU A 81 -2.29 24.25 11.37
C LEU A 81 -2.30 25.06 12.66
N ARG A 82 -1.12 25.39 13.17
CA ARG A 82 -1.06 26.12 14.44
C ARG A 82 -1.64 27.51 14.31
N ALA A 83 -1.49 28.15 13.15
CA ALA A 83 -2.14 29.44 12.96
C ALA A 83 -3.66 29.32 13.04
N SER A 84 -4.19 28.13 12.76
CA SER A 84 -5.62 27.84 12.89
C SER A 84 -5.96 27.22 14.24
N GLY A 85 -5.03 27.27 15.19
CA GLY A 85 -5.35 26.83 16.54
C GLY A 85 -5.32 25.34 16.75
N ARG A 86 -4.62 24.59 15.90
CA ARG A 86 -4.50 23.15 16.04
C ARG A 86 -3.16 22.82 16.69
N ASP A 87 -3.22 22.02 17.76
CA ASP A 87 -2.01 21.39 18.29
C ASP A 87 -1.46 20.41 17.27
N VAL A 88 -0.14 20.37 17.16
CA VAL A 88 0.54 19.52 16.19
C VAL A 88 1.41 18.53 16.95
N ILE A 89 1.29 17.25 16.61
CA ILE A 89 2.13 16.20 17.17
C ILE A 89 3.09 15.77 16.06
N ASP A 90 4.35 16.20 16.16
CA ASP A 90 5.36 15.92 15.15
C ASP A 90 6.03 14.60 15.49
N ILE A 91 5.75 13.56 14.70
CA ILE A 91 6.35 12.26 14.95
C ILE A 91 7.62 12.07 14.13
N GLY A 92 8.05 13.10 13.40
CA GLY A 92 9.34 13.10 12.76
C GLY A 92 9.42 12.22 11.52
N LEU A 93 10.66 11.84 11.21
CA LEU A 93 10.93 10.94 10.10
C LEU A 93 10.32 9.57 10.38
N CYS A 94 9.43 9.11 9.50
CA CYS A 94 8.63 7.94 9.79
C CYS A 94 8.12 7.32 8.50
N GLY A 95 7.48 6.14 8.61
CA GLY A 95 6.73 5.57 7.51
C GLY A 95 5.30 6.03 7.50
N THR A 96 4.65 5.92 6.34
CA THR A 96 3.24 6.35 6.24
C THR A 96 2.35 5.62 7.25
N GLU A 97 2.60 4.33 7.48
CA GLU A 97 1.78 3.60 8.42
C GLU A 97 1.93 4.14 9.84
N GLU A 98 3.04 4.81 10.15
CA GLU A 98 3.19 5.40 11.49
C GLU A 98 2.29 6.62 11.68
N VAL A 99 2.06 7.41 10.63
CA VAL A 99 1.06 8.47 10.73
C VAL A 99 -0.32 7.88 10.97
N TYR A 100 -0.67 6.85 10.19
CA TYR A 100 -1.94 6.17 10.41
C TYR A 100 -2.03 5.70 11.86
N PHE A 101 -1.01 4.97 12.32
CA PHE A 101 -1.06 4.36 13.63
C PHE A 101 -1.14 5.42 14.73
N GLN A 102 -0.24 6.41 14.69
CA GLN A 102 -0.21 7.43 15.73
C GLN A 102 -1.46 8.29 15.72
N THR A 103 -2.05 8.53 14.54
CA THR A 103 -3.30 9.28 14.49
C THR A 103 -4.40 8.54 15.24
N ASP A 104 -4.49 7.23 15.05
CA ASP A 104 -5.53 6.47 15.74
C ASP A 104 -5.17 6.22 17.19
N TYR A 105 -3.89 5.91 17.45
CA TYR A 105 -3.43 5.61 18.80
C TYR A 105 -3.61 6.79 19.73
N LEU A 106 -3.18 7.98 19.29
CA LEU A 106 -3.28 9.17 20.13
C LEU A 106 -4.63 9.84 20.02
N LYS A 107 -5.59 9.20 19.36
CA LYS A 107 -6.94 9.73 19.18
CA LYS A 107 -6.94 9.73 19.18
C LYS A 107 -6.90 11.15 18.64
N ALA A 108 -6.06 11.35 17.62
CA ALA A 108 -5.91 12.65 16.99
C ALA A 108 -7.12 12.97 16.11
N ALA A 109 -7.31 14.25 15.84
CA ALA A 109 -8.34 14.66 14.89
C ALA A 109 -7.96 14.26 13.47
N GLY A 110 -6.68 14.13 13.20
CA GLY A 110 -6.25 13.86 11.84
C GLY A 110 -4.74 13.69 11.78
N GLY A 111 -4.26 13.42 10.57
CA GLY A 111 -2.83 13.29 10.35
C GLY A 111 -2.48 13.54 8.91
N VAL A 112 -1.22 13.93 8.70
CA VAL A 112 -0.68 14.13 7.36
C VAL A 112 0.71 13.51 7.33
N MET A 113 0.96 12.71 6.30
CA MET A 113 2.27 12.18 6.00
C MET A 113 2.78 12.92 4.77
N VAL A 114 3.93 13.58 4.90
CA VAL A 114 4.59 14.18 3.75
C VAL A 114 5.43 13.08 3.10
N THR A 115 5.03 12.64 1.91
CA THR A 115 5.79 11.60 1.24
C THR A 115 5.56 11.74 -0.26
N ALA A 116 6.60 11.41 -1.02
CA ALA A 116 6.63 11.51 -2.47
C ALA A 116 6.46 10.14 -3.11
N SEP A 117 6.22 9.13 -2.28
CA SEP A 117 6.11 7.76 -2.72
CA SEP A 117 6.10 7.75 -2.74
CB SEP A 117 4.81 7.54 -3.49
CB SEP A 117 4.80 7.55 -3.51
OG SEP A 117 4.80 6.28 -4.14
OG SEP A 117 4.73 6.26 -4.08
C SEP A 117 7.31 7.39 -3.60
O SEP A 117 8.43 7.30 -3.11
P SEP A 117 4.22 5.17 -3.12
O1P SEP A 117 2.76 5.61 -2.59
O2P SEP A 117 5.14 5.03 -1.81
O3P SEP A 117 4.12 3.77 -3.91
N HIS A 118 7.07 7.19 -4.89
CA HIS A 118 8.15 6.87 -5.82
C HIS A 118 8.16 7.74 -7.07
N ASN A 119 7.53 8.91 -6.99
CA ASN A 119 7.58 9.89 -8.07
C ASN A 119 9.01 10.41 -8.22
N PRO A 120 9.33 11.09 -9.36
CA PRO A 120 10.72 11.55 -9.56
C PRO A 120 11.28 12.45 -8.46
N MET A 121 12.54 12.85 -8.62
CA MET A 121 13.28 13.51 -7.56
C MET A 121 12.72 14.90 -7.23
N ASP A 122 12.21 15.62 -8.22
CA ASP A 122 11.68 16.96 -7.97
C ASP A 122 10.23 16.95 -7.47
N TYR A 123 9.74 15.81 -7.01
CA TYR A 123 8.35 15.67 -6.62
C TYR A 123 8.23 15.47 -5.12
N ASN A 124 7.05 15.78 -4.60
CA ASN A 124 6.72 15.47 -3.22
C ASN A 124 5.20 15.39 -3.12
N GLY A 125 4.70 15.16 -1.92
CA GLY A 125 3.27 15.02 -1.77
C GLY A 125 2.85 14.82 -0.33
N MET A 126 1.56 14.55 -0.16
CA MET A 126 0.99 14.42 1.17
C MET A 126 -0.15 13.42 1.10
N LYS A 127 -0.30 12.66 2.18
CA LYS A 127 -1.42 11.75 2.38
C LYS A 127 -2.12 12.18 3.66
N LEU A 128 -3.42 12.46 3.55
CA LEU A 128 -4.18 13.08 4.62
C LEU A 128 -5.21 12.10 5.16
N VAL A 129 -5.38 12.08 6.48
CA VAL A 129 -6.39 11.25 7.12
C VAL A 129 -7.05 12.05 8.23
N ARG A 130 -8.28 11.67 8.58
CA ARG A 130 -9.01 12.29 9.67
C ARG A 130 -9.04 11.29 10.83
N GLU A 131 -10.09 11.35 11.66
CA GLU A 131 -10.08 10.60 12.92
C GLU A 131 -10.05 9.09 12.67
N GLN A 132 -9.32 8.37 13.53
CA GLN A 132 -9.07 6.93 13.39
C GLN A 132 -8.38 6.60 12.08
N ALA A 133 -7.66 7.59 11.55
CA ALA A 133 -6.89 7.44 10.31
C ALA A 133 -7.78 7.09 9.13
N ARG A 134 -9.01 7.56 9.14
CA ARG A 134 -9.87 7.38 7.97
C ARG A 134 -9.34 8.22 6.80
N PRO A 135 -9.24 7.67 5.60
CA PRO A 135 -8.66 8.45 4.49
C PRO A 135 -9.50 9.66 4.13
N ILE A 136 -8.81 10.73 3.74
CA ILE A 136 -9.42 11.91 3.15
C ILE A 136 -9.10 11.89 1.67
N SER A 137 -10.12 11.66 0.84
CA SER A 137 -9.98 11.51 -0.60
C SER A 137 -10.64 12.69 -1.31
N SER A 138 -10.51 12.72 -2.63
CA SER A 138 -11.07 13.81 -3.44
C SER A 138 -12.52 14.10 -3.08
N ASP A 139 -13.34 13.07 -2.97
CA ASP A 139 -14.77 13.24 -2.74
C ASP A 139 -15.14 13.15 -1.26
N THR A 140 -14.16 13.10 -0.36
CA THR A 140 -14.42 13.05 1.08
C THR A 140 -13.57 14.07 1.83
N GLY A 141 -13.23 15.17 1.16
CA GLY A 141 -12.60 16.26 1.86
C GLY A 141 -11.48 16.90 1.07
N LEU A 142 -10.80 16.12 0.22
CA LEU A 142 -9.56 16.60 -0.39
C LEU A 142 -9.81 17.69 -1.41
N PHE A 143 -10.88 17.57 -2.19
CA PHE A 143 -11.21 18.62 -3.14
C PHE A 143 -11.84 19.82 -2.45
N ALA A 144 -12.50 19.60 -1.32
CA ALA A 144 -12.93 20.73 -0.50
C ALA A 144 -11.71 21.51 -0.03
N ILE A 145 -10.71 20.80 0.48
CA ILE A 145 -9.43 21.41 0.82
C ILE A 145 -8.82 22.11 -0.40
N ARG A 146 -8.81 21.44 -1.55
CA ARG A 146 -8.23 22.04 -2.75
C ARG A 146 -8.91 23.38 -3.08
N ASP A 147 -10.24 23.40 -3.03
CA ASP A 147 -10.99 24.60 -3.40
C ASP A 147 -10.72 25.73 -2.41
N THR A 148 -10.65 25.41 -1.12
CA THR A 148 -10.27 26.40 -0.11
C THR A 148 -8.87 26.95 -0.37
N VAL A 149 -7.91 26.06 -0.60
CA VAL A 149 -6.55 26.51 -0.87
C VAL A 149 -6.51 27.37 -2.14
N ALA A 150 -7.28 26.98 -3.15
CA ALA A 150 -7.27 27.70 -4.42
C ALA A 150 -7.73 29.15 -4.25
N ALA A 151 -8.70 29.39 -3.37
CA ALA A 151 -9.28 30.70 -3.19
C ALA A 151 -8.68 31.49 -2.04
N ASP A 152 -7.81 30.87 -1.25
CA ASP A 152 -7.27 31.50 -0.03
C ASP A 152 -6.19 32.52 -0.39
N THR A 153 -6.54 33.81 -0.33
CA THR A 153 -5.59 34.90 -0.48
C THR A 153 -5.37 35.63 0.85
N ALA A 154 -5.71 34.99 1.95
CA ALA A 154 -5.59 35.63 3.25
C ALA A 154 -4.14 35.72 3.68
N ALA A 155 -3.83 36.77 4.45
CA ALA A 155 -2.51 36.91 5.02
C ALA A 155 -2.23 35.74 5.96
N PRO A 156 -1.02 35.18 5.95
CA PRO A 156 -0.69 34.12 6.90
C PRO A 156 -0.75 34.65 8.33
N GLY A 157 -1.67 34.09 9.11
CA GLY A 157 -1.78 34.46 10.51
C GLY A 157 -0.61 33.93 11.30
N GLU A 158 -0.68 34.11 12.61
CA GLU A 158 0.38 33.63 13.46
C GLU A 158 -0.06 32.43 14.28
N PRO A 159 0.88 31.58 14.71
CA PRO A 159 0.50 30.37 15.45
C PRO A 159 -0.11 30.70 16.80
N THR A 160 -1.29 30.14 17.04
CA THR A 160 -1.96 30.19 18.34
C THR A 160 -2.08 28.79 18.94
N ALA A 161 -1.24 27.85 18.50
CA ALA A 161 -1.23 26.51 19.06
C ALA A 161 0.20 26.00 19.06
N SER A 162 0.42 24.95 19.85
CA SER A 162 1.76 24.45 20.13
C SER A 162 2.10 23.27 19.24
N GLU A 163 3.39 22.99 19.12
CA GLU A 163 3.88 21.76 18.52
C GLU A 163 4.62 20.94 19.58
N GLN A 164 4.26 19.67 19.71
CA GLN A 164 4.96 18.71 20.54
C GLN A 164 5.68 17.72 19.65
N SER A 165 6.91 17.36 20.03
CA SER A 165 7.70 16.36 19.35
C SER A 165 7.51 15.02 20.06
N ARG A 166 6.98 14.04 19.34
CA ARG A 166 6.71 12.71 19.91
CA ARG A 166 6.69 12.71 19.90
C ARG A 166 7.26 11.66 18.94
N THR A 167 8.52 11.30 19.14
CA THR A 167 9.20 10.35 18.27
C THR A 167 9.28 8.95 18.87
N ASP A 168 8.78 8.76 20.09
CA ASP A 168 8.74 7.44 20.72
C ASP A 168 7.91 6.47 19.89
N LYS A 169 8.55 5.39 19.42
CA LYS A 169 7.88 4.37 18.61
C LYS A 169 7.45 3.14 19.42
N THR A 170 7.66 3.15 20.74
CA THR A 170 7.39 1.99 21.59
C THR A 170 6.00 1.41 21.33
N ALA A 171 4.97 2.25 21.38
CA ALA A 171 3.61 1.75 21.18
C ALA A 171 3.44 1.16 19.78
N TYR A 172 4.00 1.85 18.78
CA TYR A 172 4.00 1.32 17.41
C TYR A 172 4.73 -0.01 17.32
N LEU A 173 5.98 -0.05 17.82
CA LEU A 173 6.79 -1.27 17.78
C LEU A 173 6.12 -2.42 18.51
N GLU A 174 5.53 -2.16 19.68
CA GLU A 174 4.83 -3.20 20.42
C GLU A 174 3.63 -3.72 19.65
N HIS A 175 2.94 -2.82 18.95
CA HIS A 175 1.79 -3.27 18.18
C HIS A 175 2.23 -4.15 17.01
N LEU A 176 3.35 -3.82 16.36
CA LEU A 176 3.84 -4.72 15.31
C LEU A 176 4.17 -6.09 15.88
N LEU A 177 4.81 -6.14 17.06
CA LEU A 177 5.27 -7.43 17.57
C LEU A 177 4.13 -8.28 18.09
N SER A 178 2.98 -7.67 18.40
CA SER A 178 1.85 -8.41 18.93
C SER A 178 1.23 -9.37 17.91
N TYR A 179 1.58 -9.25 16.61
CA TYR A 179 0.95 -10.13 15.64
C TYR A 179 1.54 -11.53 15.61
N VAL A 180 2.71 -11.75 16.23
CA VAL A 180 3.35 -13.05 16.20
C VAL A 180 3.68 -13.52 17.60
N ASP A 181 3.82 -14.83 17.73
CA ASP A 181 4.21 -15.46 18.98
C ASP A 181 5.72 -15.60 18.94
N ARG A 182 6.42 -14.73 19.67
CA ARG A 182 7.87 -14.67 19.48
C ARG A 182 8.56 -15.95 19.90
N SER A 183 7.97 -16.73 20.80
CA SER A 183 8.60 -17.98 21.21
C SER A 183 8.51 -19.06 20.13
N THR A 184 7.70 -18.86 19.09
CA THR A 184 7.59 -19.82 18.00
C THR A 184 8.49 -19.46 16.82
N LEU A 185 9.15 -18.31 16.87
CA LEU A 185 9.97 -17.87 15.77
C LEU A 185 11.30 -18.61 15.75
N LYS A 186 11.79 -18.91 14.52
CA LYS A 186 13.07 -19.53 14.24
C LYS A 186 14.08 -18.49 13.79
N PRO A 187 15.38 -18.75 13.98
CA PRO A 187 16.39 -17.78 13.54
C PRO A 187 16.58 -17.74 12.05
N LEU A 188 15.53 -17.34 11.33
CA LEU A 188 15.59 -17.25 9.88
C LEU A 188 16.58 -16.18 9.45
N LYS A 189 17.18 -16.40 8.30
CA LYS A 189 18.04 -15.42 7.65
C LYS A 189 17.20 -14.68 6.63
N LEU A 190 17.10 -13.36 6.81
CA LEU A 190 16.19 -12.53 6.04
CA LEU A 190 16.18 -12.50 6.08
C LEU A 190 16.96 -11.41 5.36
N VAL A 191 16.83 -11.32 4.04
CA VAL A 191 17.33 -10.15 3.34
C VAL A 191 16.31 -9.02 3.51
N VAL A 192 16.77 -7.84 3.88
CA VAL A 192 15.90 -6.67 4.01
C VAL A 192 16.48 -5.54 3.17
N ASN A 193 15.63 -4.90 2.36
CA ASN A 193 16.09 -3.94 1.36
C ASN A 193 15.20 -2.71 1.46
N ALA A 194 15.69 -1.68 2.17
CA ALA A 194 14.97 -0.43 2.34
C ALA A 194 15.01 0.46 1.11
N GLY A 195 15.84 0.13 0.11
CA GLY A 195 15.99 1.01 -1.04
C GLY A 195 16.39 2.42 -0.66
N ASN A 196 17.12 2.57 0.44
CA ASN A 196 17.49 3.86 1.01
C ASN A 196 16.26 4.69 1.36
N GLY A 197 15.10 4.05 1.46
CA GLY A 197 13.95 4.65 2.09
C GLY A 197 14.01 4.53 3.60
N GLY A 198 12.85 4.54 4.23
CA GLY A 198 12.83 4.63 5.67
C GLY A 198 12.65 3.32 6.43
N ALA A 199 12.49 2.20 5.73
CA ALA A 199 12.11 0.96 6.40
C ALA A 199 13.21 0.42 7.30
N GLY A 200 14.47 0.75 7.03
CA GLY A 200 15.56 0.15 7.77
C GLY A 200 15.59 0.56 9.22
N LEU A 201 15.09 1.77 9.52
CA LEU A 201 15.04 2.22 10.91
C LEU A 201 14.12 1.33 11.74
N ILE A 202 12.96 0.98 11.19
CA ILE A 202 12.01 0.12 11.90
C ILE A 202 12.56 -1.30 12.01
N VAL A 203 13.19 -1.82 10.94
CA VAL A 203 13.80 -3.15 11.03
C VAL A 203 14.78 -3.19 12.19
N ASP A 204 15.61 -2.15 12.32
CA ASP A 204 16.65 -2.15 13.37
C ASP A 204 16.06 -2.03 14.76
N LEU A 205 14.94 -1.32 14.91
CA LEU A 205 14.29 -1.25 16.21
C LEU A 205 13.57 -2.54 16.55
N LEU A 206 13.09 -3.28 15.56
CA LEU A 206 12.46 -4.56 15.85
C LEU A 206 13.51 -5.63 16.17
N ALA A 207 14.71 -5.50 15.62
CA ALA A 207 15.67 -6.60 15.60
C ALA A 207 16.05 -7.11 16.99
N PRO A 208 16.17 -6.30 18.04
CA PRO A 208 16.49 -6.84 19.38
C PRO A 208 15.40 -7.74 19.93
N HIS A 209 14.17 -7.63 19.42
CA HIS A 209 13.06 -8.45 19.88
C HIS A 209 12.81 -9.66 19.00
N LEU A 210 13.70 -9.94 18.05
CA LEU A 210 13.49 -10.98 17.06
C LEU A 210 14.71 -11.88 16.94
N PRO A 211 14.52 -13.16 16.63
CA PRO A 211 15.66 -14.08 16.49
C PRO A 211 16.34 -14.07 15.12
N PHE A 212 15.82 -13.34 14.15
CA PHE A 212 16.30 -13.44 12.77
C PHE A 212 17.70 -12.84 12.60
N GLU A 213 18.39 -13.34 11.58
CA GLU A 213 19.65 -12.77 11.11
C GLU A 213 19.32 -11.95 9.87
N PHE A 214 19.54 -10.64 9.95
CA PHE A 214 19.18 -9.74 8.86
C PHE A 214 20.39 -9.47 7.97
N VAL A 215 20.20 -9.61 6.66
CA VAL A 215 21.15 -9.19 5.65
C VAL A 215 20.61 -7.88 5.10
N ARG A 216 21.30 -6.78 5.37
CA ARG A 216 20.79 -5.43 5.11
C ARG A 216 21.33 -4.90 3.78
N VAL A 217 20.42 -4.63 2.84
CA VAL A 217 20.77 -4.10 1.51
C VAL A 217 20.17 -2.72 1.38
N PHE A 218 20.97 -1.76 0.88
CA PHE A 218 20.50 -0.38 0.65
C PHE A 218 19.77 0.17 1.87
N HIS A 219 20.42 0.05 3.04
CA HIS A 219 19.74 0.14 4.33
C HIS A 219 19.64 1.56 4.87
N GLU A 220 20.62 2.40 4.61
CA GLU A 220 20.66 3.74 5.22
C GLU A 220 19.74 4.69 4.46
N PRO A 221 18.92 5.48 5.16
CA PRO A 221 18.06 6.43 4.45
C PRO A 221 18.90 7.49 3.76
N ASP A 222 18.61 7.73 2.50
CA ASP A 222 19.32 8.75 1.73
C ASP A 222 18.34 9.31 0.72
N GLY A 223 17.85 10.53 0.97
CA GLY A 223 16.90 11.17 0.09
C GLY A 223 17.46 11.48 -1.28
N ASN A 224 18.78 11.42 -1.44
CA ASN A 224 19.40 11.58 -2.75
C ASN A 224 19.28 10.32 -3.59
N PHE A 225 18.91 9.20 -2.97
CA PHE A 225 18.71 7.88 -3.58
C PHE A 225 19.87 7.49 -4.48
N PRO A 226 21.05 7.24 -3.91
CA PRO A 226 22.19 6.83 -4.72
C PRO A 226 21.94 5.58 -5.54
N ASN A 227 21.04 4.70 -5.09
CA ASN A 227 20.77 3.44 -5.77
C ASN A 227 19.41 3.42 -6.46
N GLY A 228 18.90 4.59 -6.85
CA GLY A 228 17.60 4.69 -7.48
C GLY A 228 16.49 4.99 -6.49
N ILE A 229 15.44 5.60 -6.99
CA ILE A 229 14.25 5.84 -6.15
C ILE A 229 13.64 4.49 -5.76
N PRO A 230 13.24 4.29 -4.51
CA PRO A 230 12.78 2.95 -4.07
C PRO A 230 11.55 2.48 -4.82
N ASN A 231 11.70 1.39 -5.56
CA ASN A 231 10.56 0.81 -6.27
C ASN A 231 10.88 -0.64 -6.60
N PRO A 232 10.57 -1.58 -5.69
CA PRO A 232 10.94 -2.97 -5.93
C PRO A 232 10.30 -3.59 -7.16
N LEU A 233 9.32 -2.93 -7.77
CA LEU A 233 8.67 -3.48 -8.96
C LEU A 233 9.52 -3.32 -10.22
N LEU A 234 10.46 -2.39 -10.23
CA LEU A 234 11.33 -2.26 -11.42
C LEU A 234 12.37 -3.37 -11.42
N PRO A 235 12.52 -4.09 -12.53
CA PRO A 235 13.41 -5.27 -12.53
C PRO A 235 14.82 -5.00 -12.02
N GLU A 236 15.40 -3.83 -12.29
CA GLU A 236 16.76 -3.60 -11.82
C GLU A 236 16.81 -3.54 -10.30
N ASN A 237 15.78 -2.96 -9.67
CA ASN A 237 15.72 -2.93 -8.21
C ASN A 237 15.31 -4.28 -7.65
N ARG A 238 14.42 -4.97 -8.35
CA ARG A 238 14.12 -6.35 -8.02
C ARG A 238 15.39 -7.18 -7.87
N ASP A 239 16.35 -7.01 -8.78
CA ASP A 239 17.48 -7.92 -8.83
C ASP A 239 18.42 -7.76 -7.64
N ALA A 240 18.47 -6.56 -7.05
CA ALA A 240 19.35 -6.35 -5.90
C ALA A 240 18.93 -7.20 -4.72
N THR A 241 17.62 -7.30 -4.49
CA THR A 241 17.13 -8.18 -3.42
C THR A 241 17.33 -9.65 -3.80
N ALA A 242 17.00 -10.02 -5.04
CA ALA A 242 17.10 -11.41 -5.47
C ALA A 242 18.52 -11.94 -5.34
N LYS A 243 19.50 -11.16 -5.80
CA LYS A 243 20.89 -11.56 -5.71
C LYS A 243 21.33 -11.68 -4.26
N ALA A 244 20.88 -10.76 -3.38
CA ALA A 244 21.28 -10.84 -1.99
C ALA A 244 20.72 -12.10 -1.33
N VAL A 245 19.52 -12.51 -1.71
CA VAL A 245 18.94 -13.74 -1.16
C VAL A 245 19.74 -14.96 -1.61
N LYS A 246 19.94 -15.09 -2.92
CA LYS A 246 20.73 -16.21 -3.44
C LYS A 246 22.15 -16.19 -2.89
N ASP A 247 22.81 -15.02 -2.93
CA ASP A 247 24.21 -14.98 -2.52
C ASP A 247 24.42 -15.32 -1.06
N ASN A 248 23.40 -15.12 -0.23
CA ASN A 248 23.55 -15.35 1.20
C ASN A 248 22.80 -16.57 1.69
N GLY A 249 22.12 -17.30 0.82
CA GLY A 249 21.32 -18.41 1.31
C GLY A 249 20.25 -17.99 2.29
N ALA A 250 19.64 -16.83 2.08
CA ALA A 250 18.60 -16.36 2.98
C ALA A 250 17.33 -17.21 2.82
N ASP A 251 16.54 -17.25 3.89
CA ASP A 251 15.26 -17.93 3.86
C ASP A 251 14.27 -17.23 2.94
N PHE A 252 14.19 -15.90 3.04
CA PHE A 252 13.54 -15.09 2.02
C PHE A 252 14.04 -13.66 2.12
N GLY A 253 13.52 -12.81 1.24
CA GLY A 253 13.92 -11.43 1.20
C GLY A 253 12.70 -10.53 1.16
N ILE A 254 12.88 -9.31 1.66
CA ILE A 254 11.82 -8.33 1.72
C ILE A 254 12.35 -7.00 1.21
N ALA A 255 11.56 -6.35 0.39
CA ALA A 255 11.87 -5.00 -0.07
C ALA A 255 10.66 -4.10 0.16
N TRP A 256 10.93 -2.80 0.32
CA TRP A 256 9.88 -1.82 0.59
C TRP A 256 9.95 -0.69 -0.41
N ASP A 257 8.82 -0.02 -0.60
CA ASP A 257 8.84 1.29 -1.23
C ASP A 257 9.33 2.30 -0.19
N GLY A 258 9.39 3.57 -0.58
CA GLY A 258 10.16 4.53 0.19
C GLY A 258 9.55 4.81 1.55
N ASP A 259 8.23 4.96 1.60
CA ASP A 259 7.52 5.22 2.85
C ASP A 259 7.04 3.93 3.49
N PHE A 260 7.43 2.79 2.89
CA PHE A 260 7.30 1.40 3.35
C PHE A 260 5.90 1.01 3.82
N ASP A 261 4.87 1.54 3.17
CA ASP A 261 3.55 0.92 3.28
C ASP A 261 3.31 -0.16 2.22
N ARG A 262 4.28 -0.43 1.34
CA ARG A 262 4.24 -1.57 0.44
C ARG A 262 5.47 -2.44 0.68
N CYS A 263 5.25 -3.76 0.73
CA CYS A 263 6.34 -4.71 0.91
C CYS A 263 6.27 -5.77 -0.18
N PHE A 264 7.42 -6.35 -0.47
CA PHE A 264 7.59 -7.21 -1.63
C PHE A 264 8.47 -8.36 -1.22
N PHE A 265 8.07 -9.58 -1.59
CA PHE A 265 8.69 -10.79 -1.08
C PHE A 265 9.43 -11.55 -2.17
N PHE A 266 10.58 -12.07 -1.78
CA PHE A 266 11.46 -12.86 -2.65
C PHE A 266 11.70 -14.18 -1.94
N ASP A 267 11.39 -15.30 -2.61
CA ASP A 267 11.60 -16.58 -1.95
C ASP A 267 13.09 -16.94 -1.93
N HIS A 268 13.42 -18.09 -1.36
CA HIS A 268 14.83 -18.47 -1.17
C HIS A 268 15.56 -18.70 -2.50
N THR A 269 14.84 -18.90 -3.59
CA THR A 269 15.47 -18.98 -4.90
C THR A 269 15.74 -17.60 -5.50
N GLY A 270 15.30 -16.53 -4.83
CA GLY A 270 15.34 -15.21 -5.38
C GLY A 270 14.14 -14.82 -6.21
N ARG A 271 13.19 -15.73 -6.40
CA ARG A 271 12.02 -15.43 -7.21
C ARG A 271 11.12 -14.43 -6.49
N PHE A 272 10.76 -13.36 -7.19
CA PHE A 272 9.80 -12.41 -6.64
C PHE A 272 8.40 -13.03 -6.63
N ILE A 273 7.69 -12.91 -5.51
CA ILE A 273 6.37 -13.50 -5.37
C ILE A 273 5.33 -12.48 -5.80
N GLU A 274 4.51 -12.84 -6.79
CA GLU A 274 3.43 -11.96 -7.23
C GLU A 274 2.46 -11.68 -6.08
N GLY A 275 2.21 -10.38 -5.83
CA GLY A 275 1.46 -9.97 -4.65
C GLY A 275 0.10 -10.62 -4.52
N TYR A 276 -0.52 -11.01 -5.64
CA TYR A 276 -1.79 -11.75 -5.59
C TYR A 276 -1.73 -12.87 -4.55
N TYR A 277 -0.67 -13.68 -4.59
CA TYR A 277 -0.63 -14.90 -3.78
C TYR A 277 -0.40 -14.60 -2.31
N LEU A 278 0.11 -13.41 -1.99
CA LEU A 278 0.30 -13.03 -0.59
C LEU A 278 -1.03 -12.76 0.10
N VAL A 279 -2.07 -12.34 -0.64
CA VAL A 279 -3.38 -12.10 -0.04
C VAL A 279 -3.93 -13.38 0.58
N GLY A 280 -3.95 -14.48 -0.18
CA GLY A 280 -4.44 -15.73 0.37
C GLY A 280 -3.55 -16.30 1.47
N LEU A 281 -2.24 -16.06 1.37
CA LEU A 281 -1.32 -16.55 2.38
C LEU A 281 -1.47 -15.79 3.69
N LEU A 282 -1.57 -14.45 3.61
CA LEU A 282 -1.77 -13.66 4.82
C LEU A 282 -3.14 -13.89 5.43
N ALA A 283 -4.15 -14.17 4.59
CA ALA A 283 -5.48 -14.44 5.12
C ALA A 283 -5.49 -15.71 5.95
N GLN A 284 -4.90 -16.79 5.43
CA GLN A 284 -4.81 -17.99 6.24
C GLN A 284 -3.98 -17.75 7.49
N ALA A 285 -2.92 -16.94 7.38
CA ALA A 285 -2.11 -16.68 8.57
C ALA A 285 -2.94 -15.99 9.65
N ILE A 286 -3.69 -14.96 9.27
CA ILE A 286 -4.52 -14.23 10.21
C ILE A 286 -5.69 -15.10 10.69
N LEU A 287 -6.28 -15.90 9.79
CA LEU A 287 -7.46 -16.67 10.19
C LEU A 287 -7.12 -17.75 11.21
N ALA A 288 -5.87 -18.22 11.22
CA ALA A 288 -5.42 -19.13 12.28
C ALA A 288 -5.55 -18.50 13.67
N LYS A 289 -5.40 -17.19 13.76
CA LYS A 289 -5.51 -16.50 15.05
C LYS A 289 -6.95 -16.17 15.38
N GLN A 290 -7.66 -15.55 14.43
CA GLN A 290 -9.03 -15.09 14.62
C GLN A 290 -9.97 -15.93 13.77
N PRO A 291 -10.46 -17.06 14.27
CA PRO A 291 -11.29 -17.95 13.45
C PRO A 291 -12.55 -17.27 12.94
N GLY A 292 -12.93 -17.63 11.71
CA GLY A 292 -14.20 -17.25 11.14
C GLY A 292 -14.32 -15.82 10.71
N GLY A 293 -13.21 -15.10 10.64
CA GLY A 293 -13.27 -13.69 10.29
C GLY A 293 -13.59 -13.48 8.83
N LYS A 294 -14.06 -12.28 8.54
CA LYS A 294 -14.21 -11.87 7.15
C LYS A 294 -12.90 -11.29 6.64
N VAL A 295 -12.65 -11.50 5.36
CA VAL A 295 -11.44 -11.02 4.69
C VAL A 295 -11.86 -10.23 3.45
N VAL A 296 -11.39 -8.99 3.34
CA VAL A 296 -11.74 -8.17 2.19
C VAL A 296 -10.68 -8.34 1.11
N HIS A 297 -11.11 -8.46 -0.15
CA HIS A 297 -10.19 -8.58 -1.27
C HIS A 297 -10.72 -7.76 -2.44
N ASP A 298 -9.85 -7.49 -3.43
CA ASP A 298 -10.26 -6.69 -4.58
C ASP A 298 -10.69 -7.58 -5.73
N PRO A 299 -11.29 -7.02 -6.78
CA PRO A 299 -11.86 -7.87 -7.84
C PRO A 299 -10.91 -8.22 -8.97
N ARG A 300 -9.68 -7.72 -8.99
CA ARG A 300 -8.78 -7.97 -10.11
C ARG A 300 -8.44 -9.45 -10.21
N LEU A 301 -8.02 -10.04 -9.10
CA LEU A 301 -7.68 -11.45 -9.01
C LEU A 301 -8.32 -12.01 -7.75
N THR A 302 -9.10 -13.06 -7.90
CA THR A 302 -10.04 -13.45 -6.84
C THR A 302 -9.99 -14.93 -6.49
N TRP A 303 -9.91 -15.83 -7.48
CA TRP A 303 -10.21 -17.25 -7.24
C TRP A 303 -9.36 -17.84 -6.13
N ASN A 304 -8.05 -17.52 -6.12
CA ASN A 304 -7.17 -18.10 -5.13
C ASN A 304 -7.53 -17.61 -3.73
N THR A 305 -7.84 -16.32 -3.61
CA THR A 305 -8.14 -15.73 -2.31
C THR A 305 -9.43 -16.31 -1.76
N VAL A 306 -10.49 -16.32 -2.58
CA VAL A 306 -11.76 -16.90 -2.18
C VAL A 306 -11.54 -18.31 -1.64
N GLU A 307 -10.74 -19.11 -2.33
CA GLU A 307 -10.56 -20.49 -1.92
C GLU A 307 -9.74 -20.61 -0.63
N GLN A 308 -8.63 -19.89 -0.56
CA GLN A 308 -7.80 -19.99 0.65
C GLN A 308 -8.53 -19.44 1.87
N VAL A 309 -9.28 -18.35 1.71
CA VAL A 309 -10.04 -17.80 2.83
C VAL A 309 -11.09 -18.79 3.30
N GLU A 310 -11.88 -19.33 2.37
CA GLU A 310 -12.89 -20.32 2.74
C GLU A 310 -12.29 -21.57 3.35
N GLU A 311 -11.20 -22.08 2.78
CA GLU A 311 -10.60 -23.29 3.33
C GLU A 311 -10.07 -23.06 4.75
N ALA A 312 -9.66 -21.84 5.07
CA ALA A 312 -9.21 -21.51 6.42
C ALA A 312 -10.34 -21.11 7.35
N GLY A 313 -11.60 -21.24 6.90
CA GLY A 313 -12.74 -20.95 7.74
C GLY A 313 -13.23 -19.51 7.70
N GLY A 314 -12.61 -18.65 6.88
CA GLY A 314 -12.99 -17.26 6.78
C GLY A 314 -14.10 -17.03 5.78
N ILE A 315 -14.53 -15.78 5.70
CA ILE A 315 -15.57 -15.37 4.77
C ILE A 315 -14.99 -14.31 3.84
N PRO A 316 -14.82 -14.57 2.54
CA PRO A 316 -14.26 -13.55 1.66
C PRO A 316 -15.30 -12.52 1.29
N VAL A 317 -14.87 -11.28 1.17
CA VAL A 317 -15.76 -10.14 0.92
C VAL A 317 -15.17 -9.33 -0.24
N LEU A 318 -15.85 -9.33 -1.38
CA LEU A 318 -15.38 -8.61 -2.56
C LEU A 318 -15.59 -7.09 -2.41
N CYS A 319 -14.61 -6.32 -2.86
CA CYS A 319 -14.61 -4.88 -2.69
C CYS A 319 -13.80 -4.23 -3.81
N LYS A 320 -14.30 -3.10 -4.32
CA LYS A 320 -13.57 -2.23 -5.24
C LYS A 320 -12.13 -2.05 -4.81
N SER A 321 -11.21 -2.06 -5.78
CA SER A 321 -9.81 -1.77 -5.47
C SER A 321 -9.64 -0.31 -5.04
N GLY A 322 -8.62 -0.08 -4.22
CA GLY A 322 -8.35 1.28 -3.71
C GLY A 322 -8.44 1.29 -2.20
N HIS A 323 -7.42 1.89 -1.56
CA HIS A 323 -7.31 1.79 -0.10
C HIS A 323 -8.51 2.40 0.61
N ALA A 324 -9.12 3.45 0.05
CA ALA A 324 -10.29 4.06 0.68
C ALA A 324 -11.47 3.11 0.71
N PHE A 325 -11.73 2.43 -0.41
CA PHE A 325 -12.84 1.48 -0.47
C PHE A 325 -12.55 0.26 0.40
N ILE A 326 -11.31 -0.24 0.34
CA ILE A 326 -10.93 -1.39 1.16
C ILE A 326 -11.17 -1.10 2.65
N LYS A 327 -10.64 0.02 3.13
CA LYS A 327 -10.74 0.38 4.55
C LYS A 327 -12.20 0.55 4.96
N GLU A 328 -12.98 1.27 4.15
CA GLU A 328 -14.37 1.49 4.48
C GLU A 328 -15.15 0.18 4.51
N LYS A 329 -14.88 -0.72 3.56
CA LYS A 329 -15.58 -1.99 3.57
C LYS A 329 -15.15 -2.84 4.75
N MET A 330 -13.86 -2.77 5.12
CA MET A 330 -13.40 -3.54 6.26
C MET A 330 -14.08 -3.09 7.54
N ARG A 331 -14.26 -1.77 7.69
CA ARG A 331 -14.93 -1.24 8.87
C ARG A 331 -16.37 -1.72 8.94
N SER A 332 -17.10 -1.65 7.82
CA SER A 332 -18.51 -2.01 7.84
C SER A 332 -18.71 -3.48 8.09
N GLU A 333 -17.71 -4.31 7.79
CA GLU A 333 -17.79 -5.76 7.90
C GLU A 333 -17.09 -6.31 9.15
N ASN A 334 -16.41 -5.47 9.93
CA ASN A 334 -15.54 -5.94 11.02
C ASN A 334 -14.51 -6.97 10.50
N ALA A 335 -14.02 -6.75 9.28
CA ALA A 335 -13.10 -7.70 8.67
C ALA A 335 -11.74 -7.66 9.36
N VAL A 336 -11.17 -8.84 9.64
CA VAL A 336 -9.88 -8.91 10.33
C VAL A 336 -8.73 -8.46 9.44
N TYR A 337 -8.85 -8.68 8.14
CA TYR A 337 -7.75 -8.51 7.21
C TYR A 337 -8.32 -8.11 5.85
N GLY A 338 -7.58 -7.26 5.16
CA GLY A 338 -7.92 -6.90 3.81
C GLY A 338 -6.65 -6.93 2.98
N GLY A 339 -6.75 -7.46 1.76
CA GLY A 339 -5.59 -7.53 0.92
C GLY A 339 -5.81 -7.20 -0.55
N GLU A 340 -4.90 -6.40 -1.11
CA GLU A 340 -4.90 -6.07 -2.52
C GLU A 340 -3.76 -6.78 -3.22
N MET A 341 -3.95 -7.12 -4.49
CA MET A 341 -2.85 -7.76 -5.21
CA MET A 341 -2.86 -7.76 -5.20
C MET A 341 -1.68 -6.80 -5.42
N SER A 342 -1.89 -5.50 -5.27
CA SER A 342 -0.85 -4.50 -5.50
C SER A 342 -0.03 -4.17 -4.26
N ALA A 343 0.18 -5.15 -3.37
CA ALA A 343 1.13 -5.06 -2.25
C ALA A 343 0.65 -4.10 -1.18
N HIS A 344 -0.65 -4.05 -0.96
CA HIS A 344 -1.26 -3.30 0.14
C HIS A 344 -1.99 -4.30 1.04
N HIS A 345 -1.68 -4.28 2.33
CA HIS A 345 -2.27 -5.23 3.26
C HIS A 345 -2.76 -4.49 4.50
N TYR A 346 -4.01 -4.74 4.87
CA TYR A 346 -4.74 -3.93 5.85
C TYR A 346 -5.16 -4.79 7.02
N PHE A 347 -5.13 -4.21 8.21
CA PHE A 347 -5.25 -4.99 9.43
C PHE A 347 -6.14 -4.25 10.40
N ARG A 348 -7.19 -4.95 10.86
CA ARG A 348 -8.20 -4.34 11.71
C ARG A 348 -7.60 -3.71 12.96
N GLU A 349 -6.78 -4.46 13.68
CA GLU A 349 -6.15 -3.98 14.91
C GLU A 349 -5.24 -2.78 14.66
N PHE A 350 -4.70 -2.68 13.45
CA PHE A 350 -3.90 -1.54 13.03
C PHE A 350 -4.76 -0.40 12.53
N ALA A 351 -5.86 -0.07 13.21
CA ALA A 351 -6.74 1.03 12.79
C ALA A 351 -7.26 0.84 11.38
N TYR A 352 -7.47 -0.42 10.98
CA TYR A 352 -7.90 -0.74 9.63
C TYR A 352 -6.94 -0.20 8.56
N ALA A 353 -5.68 0.01 8.91
CA ALA A 353 -4.76 0.69 8.00
C ALA A 353 -3.77 -0.30 7.38
N ASP A 354 -3.09 0.16 6.35
CA ASP A 354 -2.12 -0.71 5.71
C ASP A 354 -0.79 -0.62 6.45
N SER A 355 -0.06 -1.74 6.45
CA SER A 355 1.28 -1.83 7.01
C SER A 355 2.18 -2.59 6.05
N GLY A 356 3.40 -2.07 5.89
CA GLY A 356 4.47 -2.74 5.20
C GLY A 356 5.33 -3.56 6.11
N MET A 357 5.04 -3.57 7.41
CA MET A 357 5.83 -4.31 8.39
C MET A 357 5.12 -5.57 8.88
N ILE A 358 3.85 -5.47 9.27
CA ILE A 358 3.08 -6.62 9.74
C ILE A 358 3.16 -7.79 8.75
N PRO A 359 3.05 -7.56 7.43
CA PRO A 359 3.05 -8.72 6.53
C PRO A 359 4.29 -9.57 6.61
N TRP A 360 5.50 -9.00 6.69
CA TRP A 360 6.67 -9.86 6.72
C TRP A 360 6.89 -10.49 8.11
N LEU A 361 6.45 -9.82 9.18
CA LEU A 361 6.42 -10.50 10.47
C LEU A 361 5.52 -11.72 10.41
N LEU A 362 4.35 -11.60 9.79
CA LEU A 362 3.44 -12.74 9.71
C LEU A 362 4.01 -13.85 8.84
N ILE A 363 4.68 -13.50 7.75
CA ILE A 363 5.23 -14.55 6.90
C ILE A 363 6.38 -15.26 7.58
N ALA A 364 7.26 -14.51 8.24
CA ALA A 364 8.33 -15.14 9.00
C ALA A 364 7.78 -16.11 10.04
N GLU A 365 6.71 -15.73 10.75
CA GLU A 365 6.10 -16.64 11.72
C GLU A 365 5.56 -17.89 11.04
N LEU A 366 4.90 -17.72 9.89
CA LEU A 366 4.36 -18.88 9.17
C LEU A 366 5.48 -19.82 8.74
N VAL A 367 6.57 -19.27 8.20
CA VAL A 367 7.70 -20.11 7.79
C VAL A 367 8.30 -20.81 9.00
N SER A 368 8.47 -20.07 10.11
CA SER A 368 9.04 -20.64 11.34
C SER A 368 8.18 -21.77 11.88
N GLN A 369 6.86 -21.57 11.86
CA GLN A 369 5.94 -22.51 12.51
C GLN A 369 5.68 -23.75 11.67
N SER A 370 5.67 -23.60 10.34
CA SER A 370 5.26 -24.71 9.48
C SER A 370 6.44 -25.56 9.01
N GLY A 371 7.65 -25.06 9.15
CA GLY A 371 8.81 -25.70 8.55
C GLY A 371 8.81 -25.72 7.05
N ARG A 372 7.94 -24.96 6.40
CA ARG A 372 7.91 -24.91 4.95
CA ARG A 372 7.91 -24.91 4.95
C ARG A 372 8.57 -23.62 4.46
N SER A 373 9.21 -23.70 3.30
CA SER A 373 9.80 -22.54 2.67
C SER A 373 8.70 -21.60 2.18
N LEU A 374 8.99 -20.30 2.12
CA LEU A 374 8.05 -19.39 1.45
C LEU A 374 7.73 -19.88 0.04
N ALA A 375 8.73 -20.39 -0.67
CA ALA A 375 8.50 -20.94 -2.01
C ALA A 375 7.44 -22.03 -2.00
N ASP A 376 7.53 -22.98 -1.07
CA ASP A 376 6.58 -24.08 -1.07
C ASP A 376 5.21 -23.65 -0.56
N LEU A 377 5.16 -22.62 0.31
CA LEU A 377 3.86 -22.13 0.77
C LEU A 377 3.02 -21.58 -0.37
N VAL A 378 3.65 -21.04 -1.41
CA VAL A 378 2.89 -20.43 -2.51
C VAL A 378 2.91 -21.26 -3.78
N GLU A 379 3.78 -22.26 -3.89
CA GLU A 379 4.01 -22.91 -5.19
C GLU A 379 2.74 -23.59 -5.70
N ALA A 380 2.04 -24.37 -4.86
CA ALA A 380 0.83 -25.06 -5.33
C ALA A 380 -0.26 -24.07 -5.73
N ARG A 381 -0.34 -22.95 -5.03
CA ARG A 381 -1.35 -21.96 -5.36
C ARG A 381 -1.03 -21.26 -6.66
N MET A 382 0.25 -20.97 -6.92
CA MET A 382 0.61 -20.35 -8.18
C MET A 382 0.34 -21.27 -9.35
N GLN A 383 0.49 -22.57 -9.14
CA GLN A 383 0.13 -23.56 -10.17
C GLN A 383 -1.38 -23.63 -10.36
N LYS A 384 -2.13 -23.57 -9.26
CA LYS A 384 -3.58 -23.75 -9.34
C LYS A 384 -4.27 -22.55 -9.96
N PHE A 385 -3.75 -21.35 -9.77
CA PHE A 385 -4.38 -20.13 -10.29
C PHE A 385 -3.30 -19.23 -10.86
N PRO A 386 -2.73 -19.62 -12.00
CA PRO A 386 -1.73 -18.76 -12.64
C PRO A 386 -2.38 -17.46 -13.09
N CYS A 387 -1.65 -16.36 -12.97
CA CYS A 387 -2.21 -15.08 -13.35
C CYS A 387 -1.24 -14.34 -14.24
N SER A 388 -1.78 -13.37 -14.97
CA SER A 388 -1.01 -12.58 -15.92
C SER A 388 -0.10 -11.55 -15.25
N GLY A 389 -0.37 -11.17 -14.00
CA GLY A 389 0.21 -9.95 -13.47
C GLY A 389 -0.55 -8.76 -14.04
N GLU A 390 -0.53 -7.61 -13.39
CA GLU A 390 -1.26 -6.47 -13.93
C GLU A 390 -0.56 -5.91 -15.17
N ILE A 391 -1.32 -5.72 -16.24
CA ILE A 391 -0.80 -5.27 -17.52
C ILE A 391 -1.53 -3.98 -17.85
N ASN A 392 -0.77 -2.91 -18.05
CA ASN A 392 -1.31 -1.58 -18.26
C ASN A 392 -1.30 -1.21 -19.74
N PHE A 393 -2.34 -0.53 -20.19
CA PHE A 393 -2.44 -0.08 -21.57
C PHE A 393 -2.76 1.40 -21.61
N LYS A 394 -1.92 2.19 -22.28
CA LYS A 394 -2.24 3.57 -22.63
C LYS A 394 -2.75 3.55 -24.06
N VAL A 395 -4.05 3.81 -24.22
CA VAL A 395 -4.71 3.66 -25.51
C VAL A 395 -5.29 5.01 -25.92
N ALA A 396 -5.68 5.08 -27.19
CA ALA A 396 -6.23 6.33 -27.73
C ALA A 396 -7.65 6.58 -27.23
N ASP A 397 -8.37 5.54 -26.84
CA ASP A 397 -9.78 5.68 -26.46
C ASP A 397 -10.09 4.47 -25.58
N ALA A 398 -9.93 4.64 -24.26
CA ALA A 398 -10.20 3.56 -23.33
C ALA A 398 -11.58 2.96 -23.57
N LYS A 399 -12.60 3.80 -23.72
CA LYS A 399 -13.97 3.31 -23.84
C LYS A 399 -14.13 2.43 -25.08
N ALA A 400 -13.61 2.88 -26.22
CA ALA A 400 -13.66 2.07 -27.43
C ALA A 400 -12.90 0.76 -27.26
N SER A 401 -11.73 0.81 -26.62
CA SER A 401 -10.91 -0.40 -26.50
C SER A 401 -11.64 -1.44 -25.65
N VAL A 402 -12.24 -1.02 -24.56
CA VAL A 402 -13.00 -1.93 -23.70
C VAL A 402 -14.15 -2.55 -24.50
N ALA A 403 -14.80 -1.75 -25.33
CA ALA A 403 -15.92 -2.26 -26.14
C ALA A 403 -15.45 -3.30 -27.15
N ARG A 404 -14.28 -3.10 -27.77
CA ARG A 404 -13.76 -4.12 -28.68
C ARG A 404 -13.51 -5.43 -27.95
N VAL A 405 -13.12 -5.38 -26.68
CA VAL A 405 -12.87 -6.61 -25.93
C VAL A 405 -14.20 -7.31 -25.66
N MET A 406 -15.19 -6.58 -25.14
CA MET A 406 -16.43 -7.22 -24.75
C MET A 406 -17.19 -7.74 -25.96
N GLU A 407 -17.13 -7.01 -27.07
CA GLU A 407 -17.83 -7.48 -28.27
C GLU A 407 -17.22 -8.78 -28.76
N HIS A 408 -15.90 -8.94 -28.64
CA HIS A 408 -15.25 -10.14 -29.12
CA HIS A 408 -15.26 -10.14 -29.13
C HIS A 408 -15.68 -11.37 -28.32
N TYR A 409 -15.85 -11.21 -27.01
CA TYR A 409 -16.15 -12.33 -26.13
C TYR A 409 -17.65 -12.52 -25.87
N ALA A 410 -18.49 -11.64 -26.42
CA ALA A 410 -19.94 -11.68 -26.18
C ALA A 410 -20.53 -13.06 -26.48
N SER A 411 -20.15 -13.68 -27.59
CA SER A 411 -20.77 -14.94 -28.00
C SER A 411 -20.53 -16.08 -27.02
N LEU A 412 -19.56 -15.93 -26.10
CA LEU A 412 -19.30 -16.95 -25.09
C LEU A 412 -20.17 -16.79 -23.85
N SER A 413 -20.84 -15.66 -23.69
CA SER A 413 -21.76 -15.38 -22.60
C SER A 413 -21.07 -15.46 -21.23
N PRO A 414 -20.00 -14.70 -20.99
CA PRO A 414 -19.37 -14.75 -19.67
C PRO A 414 -20.29 -14.19 -18.59
N GLU A 415 -19.95 -14.51 -17.35
CA GLU A 415 -20.66 -13.93 -16.20
C GLU A 415 -20.01 -12.60 -15.87
N LEU A 416 -20.79 -11.52 -15.92
CA LEU A 416 -20.22 -10.18 -15.85
C LEU A 416 -20.54 -9.53 -14.51
N ASP A 417 -19.55 -8.84 -13.97
CA ASP A 417 -19.68 -8.14 -12.69
C ASP A 417 -19.03 -6.77 -12.82
N TYR A 418 -19.70 -5.72 -12.35
CA TYR A 418 -19.22 -4.36 -12.57
C TYR A 418 -18.81 -3.66 -11.27
N THR A 419 -18.45 -4.43 -10.24
CA THR A 419 -17.97 -3.82 -9.00
C THR A 419 -16.86 -2.82 -9.26
N ASP A 420 -15.97 -3.14 -10.19
CA ASP A 420 -14.75 -2.38 -10.39
C ASP A 420 -14.24 -2.53 -11.82
N GLY A 421 -14.75 -1.71 -12.73
CA GLY A 421 -14.50 -1.95 -14.15
C GLY A 421 -15.44 -3.02 -14.65
N ILE A 422 -14.87 -4.01 -15.35
CA ILE A 422 -15.61 -5.16 -15.85
C ILE A 422 -14.83 -6.42 -15.48
N SER A 423 -15.47 -7.29 -14.72
CA SER A 423 -14.97 -8.64 -14.49
C SER A 423 -15.80 -9.61 -15.32
N ALA A 424 -15.14 -10.43 -16.12
CA ALA A 424 -15.81 -11.44 -16.94
C ALA A 424 -15.29 -12.81 -16.56
N ASP A 425 -16.19 -13.70 -16.19
CA ASP A 425 -15.88 -15.05 -15.74
C ASP A 425 -16.43 -16.03 -16.77
N PHE A 426 -15.53 -16.76 -17.43
CA PHE A 426 -15.86 -17.67 -18.51
C PHE A 426 -15.92 -19.12 -18.05
N GLY A 427 -15.63 -19.38 -16.78
CA GLY A 427 -15.59 -20.74 -16.31
C GLY A 427 -14.20 -21.18 -15.90
N GLN A 428 -13.35 -21.49 -16.90
CA GLN A 428 -11.97 -21.87 -16.63
C GLN A 428 -11.01 -20.70 -16.61
N TRP A 429 -11.46 -19.51 -17.03
CA TRP A 429 -10.61 -18.32 -17.02
C TRP A 429 -11.49 -17.10 -16.79
N ARG A 430 -10.88 -16.05 -16.25
CA ARG A 430 -11.60 -14.80 -16.01
C ARG A 430 -10.64 -13.63 -16.17
N PHE A 431 -11.21 -12.45 -16.43
CA PHE A 431 -10.39 -11.25 -16.43
C PHE A 431 -11.10 -10.10 -15.75
N ASN A 432 -10.29 -9.12 -15.37
CA ASN A 432 -10.76 -7.83 -14.89
C ASN A 432 -10.10 -6.74 -15.71
N LEU A 433 -10.87 -5.74 -16.09
CA LEU A 433 -10.40 -4.66 -16.93
C LEU A 433 -10.97 -3.36 -16.39
N ARG A 434 -10.11 -2.49 -15.87
CA ARG A 434 -10.58 -1.23 -15.32
C ARG A 434 -9.71 -0.07 -15.77
N SER A 435 -10.27 1.12 -15.59
CA SER A 435 -9.54 2.37 -15.70
C SER A 435 -8.97 2.73 -14.35
N SER A 436 -7.73 3.25 -14.34
CA SER A 436 -7.09 3.62 -13.09
C SER A 436 -7.64 4.95 -12.56
N ASN A 437 -7.79 5.01 -11.24
CA ASN A 437 -8.23 6.23 -10.58
C ASN A 437 -7.08 7.18 -10.27
N THR A 438 -5.84 6.75 -10.49
CA THR A 438 -4.66 7.57 -10.26
C THR A 438 -3.88 7.91 -11.53
N GLU A 439 -4.16 7.23 -12.65
CA GLU A 439 -3.50 7.43 -13.92
C GLU A 439 -4.50 7.19 -15.05
N PRO A 440 -4.37 7.88 -16.19
CA PRO A 440 -5.31 7.68 -17.31
C PRO A 440 -5.01 6.40 -18.09
N LEU A 441 -5.04 5.27 -17.40
CA LEU A 441 -4.61 3.98 -17.93
C LEU A 441 -5.75 2.98 -17.90
N LEU A 442 -5.61 1.94 -18.73
CA LEU A 442 -6.39 0.73 -18.61
C LEU A 442 -5.52 -0.36 -17.97
N ARG A 443 -6.09 -1.08 -17.02
CA ARG A 443 -5.37 -2.12 -16.30
C ARG A 443 -6.07 -3.45 -16.49
N LEU A 444 -5.28 -4.49 -16.83
CA LEU A 444 -5.76 -5.80 -17.21
C LEU A 444 -5.17 -6.85 -16.29
N ASN A 445 -6.01 -7.77 -15.82
CA ASN A 445 -5.59 -8.91 -15.02
C ASN A 445 -6.34 -10.12 -15.51
N VAL A 446 -5.64 -11.23 -15.72
CA VAL A 446 -6.23 -12.47 -16.19
C VAL A 446 -5.76 -13.59 -15.28
N GLU A 447 -6.64 -14.54 -14.99
CA GLU A 447 -6.23 -15.75 -14.31
C GLU A 447 -7.01 -16.93 -14.85
N THR A 448 -6.49 -18.13 -14.60
CA THR A 448 -7.10 -19.35 -15.12
C THR A 448 -7.11 -20.43 -14.04
N ARG A 449 -7.89 -21.48 -14.29
CA ARG A 449 -7.94 -22.62 -13.37
C ARG A 449 -6.87 -23.62 -13.79
N GLY A 450 -5.64 -23.36 -13.34
CA GLY A 450 -4.57 -24.31 -13.54
C GLY A 450 -4.11 -24.50 -14.97
N ASP A 451 -4.33 -23.52 -15.85
CA ASP A 451 -4.04 -23.66 -17.27
C ASP A 451 -3.16 -22.50 -17.74
N ALA A 452 -1.85 -22.74 -17.79
CA ALA A 452 -0.91 -21.70 -18.20
C ALA A 452 -1.05 -21.38 -19.68
N ALA A 453 -1.36 -22.38 -20.51
CA ALA A 453 -1.48 -22.15 -21.95
C ALA A 453 -2.68 -21.27 -22.25
N LEU A 454 -3.81 -21.54 -21.60
CA LEU A 454 -4.99 -20.70 -21.73
C LEU A 454 -4.74 -19.30 -21.18
N LEU A 455 -3.95 -19.19 -20.11
CA LEU A 455 -3.63 -17.88 -19.57
C LEU A 455 -2.89 -17.03 -20.59
N GLU A 456 -1.90 -17.61 -21.29
CA GLU A 456 -1.12 -16.86 -22.26
C GLU A 456 -1.95 -16.51 -23.49
N THR A 457 -2.71 -17.47 -24.03
CA THR A 457 -3.42 -17.18 -25.28
C THR A 457 -4.52 -16.15 -25.06
N ARG A 458 -5.21 -16.20 -23.91
CA ARG A 458 -6.27 -15.23 -23.64
C ARG A 458 -5.69 -13.85 -23.33
N THR A 459 -4.60 -13.81 -22.57
CA THR A 459 -3.94 -12.52 -22.31
C THR A 459 -3.51 -11.88 -23.61
N GLN A 460 -2.82 -12.63 -24.47
CA GLN A 460 -2.39 -12.09 -25.75
C GLN A 460 -3.57 -11.65 -26.62
N GLU A 461 -4.65 -12.43 -26.62
CA GLU A 461 -5.85 -12.06 -27.36
C GLU A 461 -6.41 -10.73 -26.87
N ILE A 462 -6.58 -10.60 -25.55
CA ILE A 462 -7.13 -9.37 -25.00
C ILE A 462 -6.20 -8.20 -25.28
N SER A 463 -4.89 -8.43 -25.17
CA SER A 463 -3.93 -7.34 -25.39
C SER A 463 -4.04 -6.80 -26.80
N ASN A 464 -4.12 -7.68 -27.80
CA ASN A 464 -4.21 -7.25 -29.20
C ASN A 464 -5.49 -6.46 -29.44
N LEU A 465 -6.60 -6.87 -28.79
CA LEU A 465 -7.85 -6.12 -28.96
C LEU A 465 -7.76 -4.74 -28.33
N LEU A 466 -7.13 -4.64 -27.15
CA LEU A 466 -6.95 -3.34 -26.50
C LEU A 466 -6.05 -2.43 -27.31
N ARG A 467 -5.00 -3.00 -27.90
CA ARG A 467 -4.08 -2.21 -28.70
C ARG A 467 -4.67 -1.83 -30.05
N GLY A 468 -5.75 -2.48 -30.47
CA GLY A 468 -6.30 -2.28 -31.81
C GLY A 468 -6.78 -0.87 -32.13
C3 JV4 B . -4.67 0.38 -5.64
C4 JV4 B . -4.26 1.16 -4.47
C5 JV4 B . -4.25 2.63 -4.85
C6 JV4 B . -3.85 3.45 -3.67
C1 JV4 B . -3.63 2.02 -7.16
C2 JV4 B . -3.65 0.55 -6.72
F07 JV4 B . -2.52 3.31 -3.42
O5 JV4 B . -3.33 2.89 -6.03
O1 JV4 B . -4.90 2.36 -7.65
O1P JV4 B . -5.04 0.96 -9.83
O2 JV4 B . -3.97 -0.28 -7.82
O2P JV4 B . -6.71 2.83 -9.46
O3 JV4 B . -4.84 -1.04 -5.31
O3P JV4 B . -4.37 3.35 -9.99
O4 JV4 B . -5.15 0.91 -3.32
P11 JV4 B . -5.26 2.38 -9.26
MG MG C . 4.17 3.87 -0.42
#